data_4FDY
#
_entry.id   4FDY
#
_cell.length_a   40.666
_cell.length_b   71.994
_cell.length_c   124.917
_cell.angle_alpha   90.000
_cell.angle_beta   95.910
_cell.angle_gamma   90.000
#
_symmetry.space_group_name_H-M   'P 1 21 1'
#
loop_
_entity.id
_entity.type
_entity.pdbx_description
1 polymer 'Similar to lipoprotein, NLP/P60 family'
2 water water
#
_entity_poly.entity_id   1
_entity_poly.type   'polypeptide(L)'
_entity_poly.pdbx_seq_one_letter_code
;GDDTDSGENNKDSSIPQGGVTVSPEVLAHRPLIEKYGKEYGIEDYVSYILAI(MSE)QVESGGTAEDV(MSE)QSSESLG
LPPNSLSTEESIKQGVKYFSELLTSAEQQGVDIDSVIQSYNYGGGFLNYVRSHGKKYTYELAEQFSKEKSGGQKADYPNP
IAIPVNGGWRYNYGNQFYVQLVSQYLTDTSPTEFDDETVQVI(MSE)DEALKYEGFPYVFGGASPTTSFD(OCS)SGLIQ
WVYDKAGISLPRVAQDQYDATQEIS(MSE)EEAQAGDLIFFHSTYNAGTYVTHVAIYLEGNRFYHAGDPIGYGDLSSRYW
QDHLIGARRVIHN
;
_entity_poly.pdbx_strand_id   A,B
#
# COMPACT_ATOMS: atom_id res chain seq x y z
N GLY A 19 -12.02 -5.12 -20.18
CA GLY A 19 -11.51 -3.89 -19.58
C GLY A 19 -12.55 -2.93 -19.03
N VAL A 20 -13.59 -3.47 -18.36
CA VAL A 20 -14.73 -2.77 -17.76
C VAL A 20 -14.27 -1.87 -16.60
N THR A 21 -14.74 -0.63 -16.53
CA THR A 21 -14.42 0.21 -15.38
C THR A 21 -15.33 -0.31 -14.22
N VAL A 22 -14.82 -0.30 -12.98
CA VAL A 22 -15.53 -0.78 -11.78
C VAL A 22 -16.74 0.13 -11.41
N SER A 23 -17.69 -0.39 -10.59
CA SER A 23 -18.90 0.31 -10.14
C SER A 23 -18.57 1.55 -9.28
N PRO A 24 -19.41 2.63 -9.28
CA PRO A 24 -19.10 3.82 -8.48
C PRO A 24 -18.96 3.54 -6.96
N GLU A 25 -19.73 2.55 -6.42
CA GLU A 25 -19.72 2.15 -5.01
C GLU A 25 -18.36 1.49 -4.63
N VAL A 26 -17.56 1.06 -5.63
CA VAL A 26 -16.21 0.51 -5.46
C VAL A 26 -15.23 1.70 -5.52
N LEU A 27 -15.42 2.61 -6.51
CA LEU A 27 -14.64 3.84 -6.70
C LEU A 27 -14.79 4.81 -5.50
N ALA A 28 -15.88 4.68 -4.72
CA ALA A 28 -16.17 5.48 -3.53
C ALA A 28 -15.19 5.17 -2.38
N HIS A 29 -14.66 3.93 -2.38
CA HIS A 29 -13.70 3.44 -1.39
C HIS A 29 -12.25 3.71 -1.78
N ARG A 30 -12.00 4.24 -3.01
CA ARG A 30 -10.68 4.55 -3.57
C ARG A 30 -9.76 5.39 -2.61
N PRO A 31 -10.21 6.45 -1.87
CA PRO A 31 -9.25 7.16 -0.99
C PRO A 31 -8.66 6.23 0.08
N LEU A 32 -9.51 5.40 0.74
CA LEU A 32 -9.12 4.41 1.77
CA LEU A 32 -9.06 4.47 1.78
C LEU A 32 -8.17 3.35 1.19
N ILE A 33 -8.38 2.99 -0.10
CA ILE A 33 -7.59 1.98 -0.81
C ILE A 33 -6.14 2.50 -0.95
N GLU A 34 -5.99 3.76 -1.42
CA GLU A 34 -4.72 4.41 -1.66
C GLU A 34 -3.97 4.69 -0.35
N LYS A 35 -4.72 4.80 0.77
CA LYS A 35 -4.19 5.01 2.12
C LYS A 35 -3.37 3.78 2.55
N TYR A 36 -4.00 2.60 2.58
CA TYR A 36 -3.31 1.37 2.99
C TYR A 36 -2.40 0.87 1.84
N GLY A 37 -2.65 1.34 0.61
CA GLY A 37 -1.80 1.06 -0.54
C GLY A 37 -0.41 1.61 -0.32
N LYS A 38 -0.29 2.92 0.04
CA LYS A 38 1.01 3.56 0.30
C LYS A 38 1.64 3.00 1.63
N GLU A 39 0.80 2.64 2.63
CA GLU A 39 1.24 2.05 3.90
C GLU A 39 1.90 0.66 3.71
N TYR A 40 1.39 -0.18 2.79
CA TYR A 40 1.95 -1.52 2.57
C TYR A 40 2.80 -1.58 1.29
N GLY A 41 3.20 -0.41 0.79
CA GLY A 41 4.07 -0.20 -0.36
C GLY A 41 3.62 -0.81 -1.66
N ILE A 42 2.29 -0.77 -1.94
CA ILE A 42 1.71 -1.36 -3.16
C ILE A 42 0.68 -0.38 -3.79
N GLU A 43 0.91 0.95 -3.71
CA GLU A 43 0.02 1.96 -4.30
C GLU A 43 -0.04 1.81 -5.86
N ASP A 44 0.96 1.17 -6.43
CA ASP A 44 1.10 0.82 -7.84
C ASP A 44 0.00 -0.20 -8.31
N TYR A 45 -0.45 -1.08 -7.37
CA TYR A 45 -1.41 -2.14 -7.61
C TYR A 45 -2.85 -1.79 -7.17
N VAL A 46 -3.19 -0.50 -7.00
CA VAL A 46 -4.52 -0.04 -6.54
C VAL A 46 -5.65 -0.52 -7.52
N SER A 47 -5.35 -0.60 -8.84
CA SER A 47 -6.33 -1.07 -9.84
C SER A 47 -6.77 -2.55 -9.58
N TYR A 48 -5.84 -3.39 -9.08
CA TYR A 48 -6.09 -4.79 -8.71
C TYR A 48 -6.97 -4.90 -7.47
N ILE A 49 -6.76 -4.00 -6.49
CA ILE A 49 -7.55 -3.94 -5.26
C ILE A 49 -9.00 -3.53 -5.61
N LEU A 50 -9.18 -2.59 -6.57
CA LEU A 50 -10.50 -2.15 -7.03
C LEU A 50 -11.18 -3.29 -7.77
N ALA A 51 -10.44 -3.99 -8.67
CA ALA A 51 -10.93 -5.17 -9.43
C ALA A 51 -11.35 -6.32 -8.50
N ILE A 52 -10.56 -6.59 -7.43
CA ILE A 52 -10.84 -7.63 -6.43
C ILE A 52 -12.08 -7.23 -5.63
N GLN A 54 -14.65 -5.26 -6.55
CA GLN A 54 -15.81 -5.40 -7.44
C GLN A 54 -16.29 -6.88 -7.54
N VAL A 55 -15.33 -7.83 -7.61
CA VAL A 55 -15.62 -9.27 -7.70
C VAL A 55 -16.11 -9.79 -6.32
N GLU A 56 -15.47 -9.34 -5.22
CA GLU A 56 -15.76 -9.81 -3.86
C GLU A 56 -17.08 -9.30 -3.28
N SER A 57 -17.45 -8.01 -3.49
CA SER A 57 -18.67 -7.46 -2.86
C SER A 57 -19.44 -6.44 -3.74
N GLY A 58 -18.76 -5.80 -4.69
CA GLY A 58 -19.31 -4.76 -5.53
C GLY A 58 -19.46 -3.43 -4.79
N GLY A 59 -18.71 -3.30 -3.69
CA GLY A 59 -18.72 -2.14 -2.81
C GLY A 59 -19.98 -2.04 -1.98
N THR A 60 -20.74 -3.15 -1.88
CA THR A 60 -22.03 -3.26 -1.20
C THR A 60 -21.86 -3.72 0.27
N ALA A 61 -21.16 -4.85 0.50
CA ALA A 61 -20.97 -5.45 1.82
C ALA A 61 -20.06 -4.59 2.72
N GLU A 62 -20.24 -4.69 4.08
CA GLU A 62 -19.39 -4.01 5.07
C GLU A 62 -17.96 -4.60 4.95
N ASP A 63 -17.83 -5.96 4.92
CA ASP A 63 -16.54 -6.64 4.65
C ASP A 63 -16.38 -6.63 3.12
N VAL A 64 -16.07 -5.44 2.61
CA VAL A 64 -16.02 -5.01 1.22
C VAL A 64 -14.88 -5.72 0.44
N GLN A 66 -13.85 -8.85 1.62
CA GLN A 66 -14.11 -10.25 2.01
C GLN A 66 -12.76 -10.85 2.50
N SER A 67 -12.06 -10.05 3.34
CA SER A 67 -10.74 -10.34 3.88
C SER A 67 -10.80 -10.90 5.31
N SER A 68 -12.02 -11.15 5.86
CA SER A 68 -12.20 -11.72 7.21
C SER A 68 -11.50 -13.06 7.37
N GLU A 69 -11.66 -13.95 6.39
CA GLU A 69 -11.09 -15.31 6.38
C GLU A 69 -9.56 -15.30 6.39
N SER A 70 -8.92 -14.38 5.62
CA SER A 70 -7.46 -14.23 5.56
C SER A 70 -6.87 -13.91 6.95
N LEU A 71 -7.72 -13.37 7.84
CA LEU A 71 -7.38 -12.97 9.19
C LEU A 71 -7.81 -14.04 10.23
N GLY A 72 -8.35 -15.17 9.76
CA GLY A 72 -8.80 -16.28 10.59
C GLY A 72 -10.13 -16.04 11.30
N LEU A 73 -10.90 -15.09 10.79
CA LEU A 73 -12.21 -14.68 11.31
C LEU A 73 -13.35 -15.32 10.52
N PRO A 74 -14.57 -15.46 11.10
CA PRO A 74 -15.71 -15.98 10.32
C PRO A 74 -16.12 -14.96 9.25
N PRO A 75 -16.81 -15.34 8.16
CA PRO A 75 -17.15 -14.35 7.13
C PRO A 75 -17.91 -13.11 7.65
N ASN A 76 -17.61 -11.95 7.04
CA ASN A 76 -18.18 -10.61 7.26
C ASN A 76 -18.04 -10.17 8.75
N SER A 77 -16.84 -10.36 9.32
CA SER A 77 -16.48 -10.00 10.70
C SER A 77 -15.77 -8.63 10.79
N LEU A 78 -15.45 -8.03 9.64
CA LEU A 78 -14.71 -6.78 9.61
C LEU A 78 -15.57 -5.61 9.12
N SER A 79 -15.23 -4.39 9.60
CA SER A 79 -15.85 -3.14 9.16
C SER A 79 -15.26 -2.78 7.80
N THR A 80 -15.81 -1.76 7.11
CA THR A 80 -15.34 -1.36 5.78
C THR A 80 -13.85 -0.96 5.85
N GLU A 81 -13.42 -0.23 6.90
CA GLU A 81 -12.04 0.20 7.06
C GLU A 81 -11.13 -0.99 7.37
N GLU A 82 -11.55 -1.87 8.31
CA GLU A 82 -10.84 -3.09 8.71
C GLU A 82 -10.57 -3.97 7.50
N SER A 83 -11.62 -4.17 6.68
CA SER A 83 -11.66 -5.00 5.46
C SER A 83 -10.65 -4.50 4.41
N ILE A 84 -10.59 -3.16 4.15
CA ILE A 84 -9.68 -2.55 3.16
C ILE A 84 -8.22 -2.69 3.65
N LYS A 85 -7.96 -2.42 4.94
CA LYS A 85 -6.62 -2.54 5.53
C LYS A 85 -6.09 -3.99 5.36
N GLN A 86 -6.86 -5.00 5.80
CA GLN A 86 -6.46 -6.40 5.75
C GLN A 86 -6.39 -6.93 4.30
N GLY A 87 -7.33 -6.51 3.45
CA GLY A 87 -7.36 -6.86 2.03
C GLY A 87 -6.10 -6.44 1.30
N VAL A 88 -5.63 -5.19 1.55
CA VAL A 88 -4.44 -4.61 0.93
C VAL A 88 -3.17 -5.26 1.52
N LYS A 89 -3.15 -5.44 2.86
CA LYS A 89 -2.06 -6.06 3.62
C LYS A 89 -1.83 -7.49 3.08
N TYR A 90 -2.91 -8.29 3.02
CA TYR A 90 -2.89 -9.67 2.53
C TYR A 90 -2.42 -9.72 1.07
N PHE A 91 -2.92 -8.81 0.22
CA PHE A 91 -2.48 -8.76 -1.18
C PHE A 91 -0.96 -8.47 -1.26
N SER A 92 -0.44 -7.51 -0.45
CA SER A 92 0.99 -7.19 -0.43
C SER A 92 1.85 -8.36 0.12
N GLU A 93 1.30 -9.16 1.04
CA GLU A 93 2.04 -10.31 1.57
C GLU A 93 2.15 -11.38 0.47
N LEU A 94 1.06 -11.57 -0.31
CA LEU A 94 1.01 -12.49 -1.44
C LEU A 94 2.00 -12.03 -2.53
N LEU A 95 2.05 -10.71 -2.84
CA LEU A 95 3.01 -10.15 -3.79
C LEU A 95 4.44 -10.47 -3.41
N THR A 96 4.77 -10.26 -2.11
CA THR A 96 6.08 -10.50 -1.52
C THR A 96 6.45 -11.98 -1.66
N SER A 97 5.55 -12.89 -1.27
CA SER A 97 5.79 -14.34 -1.34
C SER A 97 5.99 -14.79 -2.81
N ALA A 98 5.24 -14.19 -3.75
CA ALA A 98 5.33 -14.47 -5.19
C ALA A 98 6.68 -14.04 -5.73
N GLU A 99 7.16 -12.85 -5.31
CA GLU A 99 8.47 -12.29 -5.68
C GLU A 99 9.59 -13.27 -5.29
N GLN A 100 9.55 -13.77 -4.03
CA GLN A 100 10.51 -14.73 -3.49
C GLN A 100 10.51 -16.04 -4.28
N GLN A 101 9.32 -16.52 -4.68
CA GLN A 101 9.14 -17.80 -5.36
C GLN A 101 9.32 -17.68 -6.89
N GLY A 102 9.25 -16.46 -7.42
CA GLY A 102 9.40 -16.18 -8.84
C GLY A 102 8.19 -16.51 -9.70
N VAL A 103 6.97 -16.27 -9.15
CA VAL A 103 5.71 -16.54 -9.85
C VAL A 103 5.05 -15.18 -10.18
N ASP A 104 4.22 -15.13 -11.23
CA ASP A 104 3.62 -13.93 -11.84
C ASP A 104 2.38 -13.42 -11.07
N ILE A 105 1.86 -12.25 -11.49
CA ILE A 105 0.77 -11.49 -10.86
C ILE A 105 -0.57 -12.24 -10.90
N ASP A 106 -0.84 -13.05 -11.93
CA ASP A 106 -2.12 -13.76 -11.99
C ASP A 106 -2.17 -14.86 -10.93
N SER A 107 -1.02 -15.43 -10.54
CA SER A 107 -0.92 -16.37 -9.42
C SER A 107 -1.25 -15.66 -8.09
N VAL A 108 -0.86 -14.35 -7.95
CA VAL A 108 -1.12 -13.50 -6.79
C VAL A 108 -2.62 -13.30 -6.68
N ILE A 109 -3.24 -12.92 -7.83
CA ILE A 109 -4.68 -12.67 -7.90
C ILE A 109 -5.44 -13.93 -7.50
N GLN A 110 -5.07 -15.10 -8.05
CA GLN A 110 -5.70 -16.37 -7.72
C GLN A 110 -5.48 -16.72 -6.25
N SER A 111 -4.30 -16.38 -5.70
CA SER A 111 -3.95 -16.70 -4.30
C SER A 111 -4.76 -15.89 -3.32
N TYR A 112 -5.31 -14.72 -3.74
CA TYR A 112 -6.19 -13.93 -2.87
C TYR A 112 -7.45 -14.76 -2.59
N ASN A 113 -7.88 -15.52 -3.59
CA ASN A 113 -9.03 -16.40 -3.51
C ASN A 113 -8.69 -17.79 -2.91
N TYR A 114 -7.60 -18.42 -3.37
CA TYR A 114 -7.22 -19.77 -2.93
C TYR A 114 -6.37 -19.85 -1.66
N GLY A 115 -5.67 -18.77 -1.34
CA GLY A 115 -4.70 -18.76 -0.26
C GLY A 115 -3.31 -18.88 -0.84
N GLY A 116 -2.29 -18.63 -0.02
CA GLY A 116 -0.88 -18.60 -0.39
C GLY A 116 -0.29 -19.90 -0.93
N GLY A 117 -0.93 -21.02 -0.61
CA GLY A 117 -0.53 -22.35 -1.05
C GLY A 117 -0.57 -22.50 -2.56
N PHE A 118 -1.41 -21.69 -3.25
CA PHE A 118 -1.48 -21.69 -4.71
C PHE A 118 -0.15 -21.19 -5.33
N LEU A 119 0.52 -20.23 -4.70
CA LEU A 119 1.82 -19.71 -5.16
C LEU A 119 2.88 -20.84 -5.23
N ASN A 120 2.93 -21.70 -4.17
CA ASN A 120 3.87 -22.84 -4.08
CA ASN A 120 3.86 -22.83 -4.07
C ASN A 120 3.55 -23.89 -5.14
N TYR A 121 2.27 -24.07 -5.44
CA TYR A 121 1.77 -25.02 -6.44
C TYR A 121 2.23 -24.60 -7.85
N VAL A 122 2.02 -23.32 -8.22
CA VAL A 122 2.42 -22.73 -9.49
C VAL A 122 3.96 -22.79 -9.63
N ARG A 123 4.68 -22.43 -8.57
CA ARG A 123 6.13 -22.46 -8.52
C ARG A 123 6.65 -23.87 -8.87
N SER A 124 5.97 -24.92 -8.42
CA SER A 124 6.43 -26.27 -8.68
C SER A 124 5.95 -26.77 -10.07
N HIS A 125 5.20 -25.94 -10.83
CA HIS A 125 4.63 -26.31 -12.11
C HIS A 125 4.85 -25.23 -13.17
N GLY A 126 6.08 -24.69 -13.26
CA GLY A 126 6.47 -23.76 -14.31
C GLY A 126 6.51 -22.29 -13.99
N LYS A 127 6.09 -21.91 -12.75
CA LYS A 127 6.12 -20.57 -12.17
C LYS A 127 5.20 -19.55 -12.87
N LYS A 128 4.31 -20.00 -13.74
CA LYS A 128 3.34 -19.12 -14.41
C LYS A 128 1.93 -19.59 -14.16
N TYR A 129 1.01 -18.66 -13.91
CA TYR A 129 -0.40 -18.98 -13.76
C TYR A 129 -0.94 -19.51 -15.08
N THR A 130 -1.77 -20.57 -15.02
CA THR A 130 -2.57 -21.10 -16.12
C THR A 130 -3.93 -21.43 -15.52
N TYR A 131 -4.99 -21.34 -16.32
CA TYR A 131 -6.33 -21.72 -15.92
C TYR A 131 -6.35 -23.21 -15.52
N GLU A 132 -5.59 -24.04 -16.24
CA GLU A 132 -5.46 -25.48 -15.98
C GLU A 132 -4.87 -25.74 -14.60
N LEU A 133 -3.92 -24.90 -14.15
CA LEU A 133 -3.37 -25.01 -12.79
C LEU A 133 -4.41 -24.59 -11.72
N ALA A 134 -5.18 -23.52 -11.96
CA ALA A 134 -6.23 -23.05 -11.05
C ALA A 134 -7.32 -24.11 -10.88
N GLU A 135 -7.70 -24.72 -11.98
CA GLU A 135 -8.70 -25.76 -12.08
C GLU A 135 -8.24 -27.04 -11.34
N GLN A 136 -6.99 -27.49 -11.55
CA GLN A 136 -6.48 -28.71 -10.93
C GLN A 136 -6.30 -28.50 -9.40
N PHE A 137 -5.85 -27.31 -9.00
CA PHE A 137 -5.68 -26.98 -7.58
C PHE A 137 -7.05 -27.10 -6.87
N SER A 138 -8.11 -26.50 -7.46
CA SER A 138 -9.48 -26.59 -6.96
C SER A 138 -9.98 -28.05 -6.94
N LYS A 139 -9.73 -28.82 -8.03
CA LYS A 139 -10.13 -30.24 -8.12
C LYS A 139 -9.59 -31.04 -6.90
N GLU A 140 -8.31 -30.81 -6.61
CA GLU A 140 -7.64 -31.48 -5.51
C GLU A 140 -8.17 -31.00 -4.16
N LYS A 141 -8.26 -29.67 -3.93
CA LYS A 141 -8.67 -29.13 -2.64
C LYS A 141 -10.14 -29.42 -2.32
N SER A 142 -10.98 -29.60 -3.34
CA SER A 142 -12.41 -29.86 -3.14
C SER A 142 -12.74 -31.33 -3.01
N GLY A 143 -11.76 -32.20 -3.25
CA GLY A 143 -11.99 -33.65 -3.26
C GLY A 143 -12.80 -34.08 -4.46
N GLY A 144 -12.79 -33.26 -5.52
CA GLY A 144 -13.47 -33.48 -6.78
C GLY A 144 -14.95 -33.10 -6.81
N GLN A 145 -15.45 -32.41 -5.77
CA GLN A 145 -16.87 -32.04 -5.67
C GLN A 145 -17.18 -30.86 -6.60
N LYS A 146 -18.21 -31.01 -7.45
CA LYS A 146 -18.56 -30.00 -8.46
C LYS A 146 -19.90 -29.29 -8.12
N ALA A 147 -19.99 -28.02 -8.51
CA ALA A 147 -21.19 -27.21 -8.31
C ALA A 147 -21.53 -26.45 -9.56
N ASP A 148 -22.84 -26.26 -9.85
CA ASP A 148 -23.29 -25.52 -11.02
C ASP A 148 -22.81 -24.07 -10.88
N TYR A 149 -22.35 -23.50 -11.98
CA TYR A 149 -21.83 -22.14 -11.94
C TYR A 149 -22.41 -21.41 -13.14
N PRO A 150 -23.62 -20.82 -12.97
CA PRO A 150 -24.28 -20.15 -14.09
C PRO A 150 -23.64 -18.78 -14.39
N ASN A 151 -22.33 -18.78 -14.59
CA ASN A 151 -21.60 -17.55 -14.87
C ASN A 151 -21.22 -17.52 -16.36
N PRO A 152 -21.49 -16.38 -17.06
CA PRO A 152 -21.17 -16.31 -18.49
C PRO A 152 -19.67 -16.48 -18.82
N ILE A 153 -18.76 -16.43 -17.82
CA ILE A 153 -17.33 -16.67 -18.06
C ILE A 153 -17.11 -18.17 -18.12
N ALA A 154 -17.82 -18.91 -17.24
CA ALA A 154 -17.70 -20.35 -17.09
C ALA A 154 -18.47 -21.13 -18.15
N ILE A 155 -19.69 -20.69 -18.53
CA ILE A 155 -20.56 -21.44 -19.48
C ILE A 155 -19.80 -21.82 -20.79
N PRO A 156 -19.07 -20.91 -21.50
CA PRO A 156 -18.42 -21.35 -22.74
C PRO A 156 -17.16 -22.19 -22.50
N VAL A 157 -16.64 -22.24 -21.23
CA VAL A 157 -15.42 -22.98 -20.92
C VAL A 157 -15.73 -24.49 -20.64
N ASN A 158 -16.69 -24.84 -19.74
CA ASN A 158 -16.96 -26.25 -19.39
C ASN A 158 -18.47 -26.56 -19.25
N GLY A 159 -19.30 -25.64 -19.71
CA GLY A 159 -20.74 -25.76 -19.58
C GLY A 159 -21.33 -24.91 -18.46
N GLY A 160 -20.48 -24.47 -17.52
CA GLY A 160 -20.90 -23.66 -16.38
C GLY A 160 -20.92 -24.44 -15.08
N TRP A 161 -19.75 -24.88 -14.64
CA TRP A 161 -19.58 -25.53 -13.36
C TRP A 161 -18.19 -25.22 -12.80
N ARG A 162 -17.99 -25.51 -11.50
CA ARG A 162 -16.70 -25.33 -10.86
C ARG A 162 -16.54 -26.33 -9.70
N TYR A 163 -15.30 -26.56 -9.29
CA TYR A 163 -14.97 -27.40 -8.15
C TYR A 163 -15.27 -26.59 -6.90
N ASN A 164 -15.77 -27.25 -5.85
CA ASN A 164 -16.21 -26.63 -4.60
C ASN A 164 -15.03 -26.25 -3.67
N TYR A 165 -14.13 -25.42 -4.19
CA TYR A 165 -12.99 -24.83 -3.49
C TYR A 165 -12.61 -23.53 -4.19
N GLY A 166 -12.88 -22.42 -3.55
CA GLY A 166 -12.58 -21.11 -4.11
C GLY A 166 -13.29 -20.92 -5.44
N ASN A 167 -12.63 -20.22 -6.35
CA ASN A 167 -13.17 -20.01 -7.68
C ASN A 167 -12.05 -20.16 -8.71
N GLN A 168 -12.10 -21.24 -9.48
CA GLN A 168 -11.11 -21.52 -10.52
C GLN A 168 -11.16 -20.47 -11.67
N PHE A 169 -12.24 -19.67 -11.77
CA PHE A 169 -12.42 -18.59 -12.76
C PHE A 169 -12.09 -17.21 -12.17
N TYR A 170 -11.54 -17.16 -10.96
CA TYR A 170 -11.28 -15.92 -10.26
C TYR A 170 -10.40 -14.94 -11.04
N VAL A 171 -9.33 -15.43 -11.70
CA VAL A 171 -8.47 -14.50 -12.42
C VAL A 171 -9.27 -13.91 -13.64
N GLN A 172 -10.09 -14.70 -14.35
CA GLN A 172 -10.90 -14.20 -15.46
C GLN A 172 -11.93 -13.16 -14.98
N LEU A 173 -12.54 -13.37 -13.80
CA LEU A 173 -13.51 -12.46 -13.21
C LEU A 173 -12.89 -11.11 -12.81
N VAL A 174 -11.74 -11.15 -12.11
CA VAL A 174 -11.01 -9.96 -11.65
C VAL A 174 -10.45 -9.21 -12.88
N SER A 175 -9.95 -9.94 -13.94
CA SER A 175 -9.39 -9.36 -15.18
C SER A 175 -10.40 -8.53 -15.97
N GLN A 176 -11.70 -8.83 -15.86
CA GLN A 176 -12.80 -8.08 -16.49
C GLN A 176 -12.77 -6.60 -16.11
N TYR A 177 -12.38 -6.32 -14.86
CA TYR A 177 -12.37 -4.96 -14.32
C TYR A 177 -10.96 -4.34 -14.33
N LEU A 178 -10.00 -4.92 -15.08
CA LEU A 178 -8.67 -4.33 -15.21
C LEU A 178 -8.62 -3.63 -16.56
N THR A 179 -8.35 -2.34 -16.57
CA THR A 179 -8.30 -1.58 -17.81
C THR A 179 -6.84 -1.26 -18.15
N ASP A 180 -6.41 -1.63 -19.39
CA ASP A 180 -5.07 -1.30 -19.89
C ASP A 180 -5.12 0.10 -20.54
N THR A 181 -4.53 1.08 -19.87
CA THR A 181 -4.55 2.47 -20.29
C THR A 181 -3.24 2.87 -21.01
N SER A 182 -2.31 1.91 -21.18
CA SER A 182 -1.00 2.02 -21.83
C SER A 182 -1.18 2.36 -23.32
N PRO A 183 -0.25 3.10 -23.99
CA PRO A 183 -0.47 3.45 -25.41
C PRO A 183 -0.95 2.28 -26.27
N THR A 184 -2.08 2.45 -26.99
CA THR A 184 -2.67 1.39 -27.83
C THR A 184 -1.96 1.34 -29.17
N GLU A 185 -1.90 0.14 -29.77
CA GLU A 185 -1.25 -0.07 -31.06
C GLU A 185 -2.14 0.44 -32.20
N PHE A 186 -1.58 0.60 -33.40
CA PHE A 186 -2.36 1.00 -34.57
C PHE A 186 -3.35 -0.06 -34.94
N ASP A 187 -4.56 0.32 -35.31
CA ASP A 187 -5.56 -0.66 -35.78
C ASP A 187 -5.15 -1.14 -37.17
N ASP A 188 -5.71 -2.26 -37.63
CA ASP A 188 -5.38 -2.92 -38.88
C ASP A 188 -5.52 -1.99 -40.09
N GLU A 189 -6.51 -1.08 -40.06
CA GLU A 189 -6.80 -0.14 -41.14
C GLU A 189 -5.65 0.89 -41.29
N THR A 190 -5.15 1.44 -40.16
CA THR A 190 -4.05 2.41 -40.16
C THR A 190 -2.77 1.73 -40.57
N VAL A 191 -2.55 0.48 -40.12
CA VAL A 191 -1.36 -0.29 -40.53
C VAL A 191 -1.36 -0.46 -42.08
N GLN A 192 -2.56 -0.64 -42.68
CA GLN A 192 -2.67 -0.80 -44.14
C GLN A 192 -2.44 0.53 -44.84
N VAL A 193 -2.82 1.68 -44.22
CA VAL A 193 -2.56 3.02 -44.75
C VAL A 193 -1.03 3.26 -44.77
N ILE A 194 -0.33 2.93 -43.67
CA ILE A 194 1.12 3.07 -43.51
C ILE A 194 1.86 2.22 -44.55
N ASP A 196 0.61 0.72 -47.29
CA ASP A 196 0.28 1.03 -48.70
C ASP A 196 1.18 2.18 -49.20
N GLU A 197 1.41 3.18 -48.33
CA GLU A 197 2.27 4.30 -48.60
C GLU A 197 3.74 3.87 -48.66
N ALA A 198 4.22 3.13 -47.66
CA ALA A 198 5.61 2.68 -47.59
C ALA A 198 6.01 1.82 -48.81
N LEU A 199 5.10 0.96 -49.31
CA LEU A 199 5.37 0.06 -50.43
C LEU A 199 5.41 0.78 -51.79
N LYS A 200 4.95 2.04 -51.86
CA LYS A 200 5.06 2.81 -53.12
C LYS A 200 6.54 3.08 -53.44
N TYR A 201 7.39 3.07 -52.40
CA TYR A 201 8.80 3.42 -52.51
C TYR A 201 9.67 2.15 -52.39
N GLU A 202 9.06 0.96 -52.41
CA GLU A 202 9.79 -0.30 -52.40
C GLU A 202 10.72 -0.37 -53.63
N GLY A 203 12.00 -0.69 -53.38
CA GLY A 203 13.01 -0.77 -54.42
C GLY A 203 13.79 0.53 -54.62
N PHE A 204 13.27 1.68 -54.12
CA PHE A 204 13.90 3.00 -54.22
C PHE A 204 15.29 3.01 -53.57
N PRO A 205 16.23 3.85 -54.03
CA PRO A 205 17.56 3.84 -53.41
C PRO A 205 17.62 4.63 -52.10
N TYR A 206 18.52 4.21 -51.21
CA TYR A 206 18.79 4.92 -49.97
C TYR A 206 19.44 6.26 -50.29
N VAL A 207 18.87 7.35 -49.76
CA VAL A 207 19.39 8.70 -49.98
C VAL A 207 19.48 9.41 -48.63
N PHE A 208 20.73 9.61 -48.16
CA PHE A 208 21.05 10.27 -46.91
C PHE A 208 20.58 11.74 -46.99
N GLY A 209 19.66 12.09 -46.10
CA GLY A 209 19.03 13.42 -46.03
C GLY A 209 17.69 13.53 -46.76
N GLY A 210 17.27 12.45 -47.43
CA GLY A 210 16.03 12.38 -48.18
C GLY A 210 14.81 12.13 -47.33
N ALA A 211 13.73 12.90 -47.57
CA ALA A 211 12.47 12.80 -46.81
C ALA A 211 11.22 13.04 -47.71
N SER A 212 11.36 12.74 -49.02
CA SER A 212 10.28 12.90 -50.01
C SER A 212 10.45 11.90 -51.15
N PRO A 213 9.38 11.54 -51.91
CA PRO A 213 9.58 10.61 -53.04
C PRO A 213 10.57 11.17 -54.08
N THR A 214 10.55 12.52 -54.28
CA THR A 214 11.38 13.30 -55.22
C THR A 214 12.89 13.12 -54.98
N THR A 215 13.31 13.13 -53.70
CA THR A 215 14.72 13.00 -53.30
C THR A 215 15.09 11.53 -52.94
N SER A 216 14.07 10.68 -52.71
CA SER A 216 14.09 9.31 -52.18
C SER A 216 14.28 9.46 -50.66
N PHE A 217 14.69 8.43 -49.92
CA PHE A 217 14.66 8.62 -48.47
C PHE A 217 15.79 7.99 -47.69
N ASP A 218 15.98 8.52 -46.46
CA ASP A 218 16.83 7.92 -45.44
C ASP A 218 15.84 7.28 -44.44
N SER A 220 14.75 7.66 -41.28
CA SER A 220 13.83 8.53 -40.53
C SER A 220 13.00 9.41 -41.47
N GLY A 221 13.50 9.69 -42.65
CA GLY A 221 12.75 10.47 -43.64
C GLY A 221 11.58 9.69 -44.23
N LEU A 222 11.73 8.33 -44.30
CA LEU A 222 10.68 7.43 -44.80
C LEU A 222 9.56 7.39 -43.75
N ILE A 223 9.93 7.18 -42.46
CA ILE A 223 9.01 7.15 -41.31
C ILE A 223 8.21 8.45 -41.25
N GLN A 224 8.89 9.60 -41.31
CA GLN A 224 8.19 10.88 -41.23
C GLN A 224 7.17 11.06 -42.37
N TRP A 225 7.55 10.73 -43.61
CA TRP A 225 6.68 10.90 -44.77
C TRP A 225 5.47 9.93 -44.72
N VAL A 226 5.73 8.64 -44.44
CA VAL A 226 4.73 7.58 -44.43
C VAL A 226 3.73 7.78 -43.27
N TYR A 227 4.21 8.10 -42.07
CA TYR A 227 3.34 8.32 -40.91
C TYR A 227 2.53 9.62 -41.09
N ASP A 228 3.02 10.60 -41.86
CA ASP A 228 2.26 11.82 -42.14
C ASP A 228 1.04 11.53 -42.99
N LYS A 229 1.18 10.68 -44.03
CA LYS A 229 0.09 10.28 -44.94
C LYS A 229 -0.99 9.50 -44.15
N ALA A 230 -0.58 8.82 -43.05
CA ALA A 230 -1.47 8.10 -42.13
C ALA A 230 -2.07 9.04 -41.06
N GLY A 231 -1.73 10.33 -41.14
CA GLY A 231 -2.22 11.37 -40.23
C GLY A 231 -1.51 11.45 -38.90
N ILE A 232 -0.22 11.04 -38.87
CA ILE A 232 0.62 11.03 -37.67
C ILE A 232 1.85 11.94 -37.90
N SER A 233 1.99 12.97 -37.05
CA SER A 233 3.13 13.90 -37.09
C SER A 233 4.25 13.39 -36.21
N LEU A 234 5.40 13.18 -36.82
CA LEU A 234 6.59 12.70 -36.12
C LEU A 234 7.79 13.60 -36.45
N PRO A 235 8.80 13.71 -35.53
CA PRO A 235 10.02 14.48 -35.85
C PRO A 235 10.79 13.91 -37.07
N ARG A 236 11.83 14.64 -37.50
CA ARG A 236 12.60 14.30 -38.69
C ARG A 236 13.77 13.33 -38.41
N VAL A 237 14.47 13.48 -37.27
CA VAL A 237 15.67 12.68 -36.96
C VAL A 237 15.29 11.44 -36.12
N ALA A 238 15.94 10.29 -36.42
CA ALA A 238 15.72 9.00 -35.74
C ALA A 238 15.73 9.16 -34.21
N GLN A 239 16.76 9.86 -33.66
CA GLN A 239 16.89 10.13 -32.22
C GLN A 239 15.65 10.91 -31.69
N ASP A 240 15.16 11.93 -32.44
CA ASP A 240 13.98 12.72 -32.08
C ASP A 240 12.72 11.83 -32.11
N GLN A 241 12.57 10.95 -33.13
CA GLN A 241 11.46 10.01 -33.28
C GLN A 241 11.44 9.03 -32.09
N TYR A 242 12.64 8.60 -31.65
CA TYR A 242 12.82 7.74 -30.48
C TYR A 242 12.34 8.46 -29.22
N ASP A 243 12.69 9.75 -29.09
CA ASP A 243 12.36 10.56 -27.92
C ASP A 243 10.87 10.85 -27.87
N ALA A 244 10.22 10.99 -29.05
CA ALA A 244 8.81 11.32 -29.20
C ALA A 244 7.89 10.09 -29.08
N THR A 245 8.46 8.89 -29.01
CA THR A 245 7.67 7.65 -28.92
C THR A 245 7.92 6.96 -27.57
N GLN A 246 7.06 5.99 -27.18
CA GLN A 246 7.21 5.32 -25.88
C GLN A 246 7.72 3.89 -25.99
N GLU A 247 8.66 3.55 -25.10
CA GLU A 247 9.29 2.23 -24.95
C GLU A 247 8.27 1.13 -24.70
N ILE A 248 8.44 0.03 -25.42
CA ILE A 248 7.63 -1.19 -25.32
C ILE A 248 8.57 -2.40 -25.42
N SER A 249 8.21 -3.51 -24.76
CA SER A 249 8.97 -4.75 -24.85
C SER A 249 8.79 -5.34 -26.25
N GLU A 251 8.15 -8.36 -27.02
CA GLU A 251 7.04 -9.31 -26.96
C GLU A 251 5.67 -8.59 -27.11
N GLU A 252 5.56 -7.30 -26.69
CA GLU A 252 4.29 -6.59 -26.82
C GLU A 252 4.23 -5.73 -28.12
N ALA A 253 5.38 -5.55 -28.84
CA ALA A 253 5.49 -4.81 -30.10
C ALA A 253 4.53 -5.38 -31.20
N GLN A 254 3.88 -4.48 -31.96
CA GLN A 254 2.91 -4.80 -33.02
C GLN A 254 3.23 -4.04 -34.32
N ALA A 255 2.55 -4.37 -35.42
CA ALA A 255 2.74 -3.69 -36.71
C ALA A 255 2.44 -2.20 -36.57
N GLY A 256 3.33 -1.38 -37.12
CA GLY A 256 3.19 0.07 -37.03
C GLY A 256 4.03 0.68 -35.94
N ASP A 257 4.53 -0.15 -34.98
CA ASP A 257 5.50 0.30 -33.98
C ASP A 257 6.82 0.47 -34.67
N LEU A 258 7.73 1.21 -34.05
CA LEU A 258 9.02 1.52 -34.64
C LEU A 258 10.10 0.80 -33.90
N ILE A 259 11.11 0.34 -34.64
CA ILE A 259 12.24 -0.34 -34.02
C ILE A 259 13.46 0.50 -34.29
N PHE A 260 14.24 0.73 -33.22
CA PHE A 260 15.41 1.61 -33.25
C PHE A 260 16.70 0.81 -33.03
N PHE A 261 17.79 1.26 -33.70
CA PHE A 261 19.14 0.63 -33.70
C PHE A 261 20.20 1.65 -33.31
N HIS A 262 21.33 1.18 -32.70
CA HIS A 262 22.26 2.15 -32.13
C HIS A 262 23.54 2.45 -32.92
N SER A 263 24.46 1.53 -33.09
CA SER A 263 25.73 1.91 -33.68
C SER A 263 25.83 1.50 -35.16
N THR A 264 24.80 1.83 -35.99
CA THR A 264 24.83 1.45 -37.42
C THR A 264 25.77 2.40 -38.19
N TYR A 265 26.01 3.64 -37.67
CA TYR A 265 26.95 4.62 -38.25
C TYR A 265 27.14 5.78 -37.25
N ASN A 266 28.15 6.66 -37.47
CA ASN A 266 28.40 7.76 -36.54
C ASN A 266 27.40 8.92 -36.77
N ALA A 267 26.29 8.93 -35.99
CA ALA A 267 25.27 9.98 -36.09
C ALA A 267 25.42 11.04 -35.01
N GLY A 268 26.33 10.81 -34.06
CA GLY A 268 26.54 11.72 -32.92
C GLY A 268 25.49 11.58 -31.83
N THR A 269 24.52 10.65 -32.01
CA THR A 269 23.44 10.30 -31.07
C THR A 269 23.46 8.78 -30.85
N TYR A 270 22.81 8.29 -29.76
CA TYR A 270 22.73 6.86 -29.46
C TYR A 270 21.92 6.14 -30.55
N VAL A 271 20.75 6.72 -30.91
CA VAL A 271 19.89 6.20 -31.97
C VAL A 271 20.43 6.65 -33.33
N THR A 272 20.61 5.68 -34.25
CA THR A 272 21.10 5.93 -35.62
C THR A 272 20.13 5.38 -36.65
N HIS A 273 19.50 4.23 -36.36
CA HIS A 273 18.60 3.61 -37.32
C HIS A 273 17.19 3.43 -36.74
N VAL A 274 16.17 3.49 -37.66
CA VAL A 274 14.74 3.34 -37.38
C VAL A 274 14.06 2.55 -38.55
N ALA A 275 13.13 1.65 -38.18
CA ALA A 275 12.36 0.85 -39.13
C ALA A 275 10.90 0.73 -38.70
N ILE A 276 10.00 0.37 -39.65
CA ILE A 276 8.58 0.08 -39.40
C ILE A 276 8.50 -1.37 -38.99
N TYR A 277 8.08 -1.69 -37.78
CA TYR A 277 7.95 -3.10 -37.40
C TYR A 277 6.68 -3.67 -37.96
N LEU A 278 6.74 -4.94 -38.43
CA LEU A 278 5.60 -5.64 -39.01
C LEU A 278 5.18 -6.75 -38.06
N GLU A 279 5.90 -7.84 -37.98
CA GLU A 279 5.62 -8.87 -36.99
C GLU A 279 6.68 -9.91 -37.09
N GLY A 280 6.88 -10.63 -35.98
CA GLY A 280 7.91 -11.65 -35.87
C GLY A 280 9.26 -10.96 -35.91
N ASN A 281 10.02 -11.23 -36.97
CA ASN A 281 11.34 -10.63 -37.18
C ASN A 281 11.32 -9.70 -38.40
N ARG A 282 10.13 -9.38 -38.92
CA ARG A 282 10.04 -8.56 -40.13
C ARG A 282 9.90 -7.08 -39.86
N PHE A 283 10.57 -6.29 -40.71
CA PHE A 283 10.47 -4.85 -40.65
C PHE A 283 10.62 -4.27 -42.05
N TYR A 284 10.18 -3.03 -42.23
CA TYR A 284 10.29 -2.26 -43.46
C TYR A 284 11.07 -0.99 -43.14
N HIS A 285 12.04 -0.63 -43.97
CA HIS A 285 12.87 0.54 -43.69
C HIS A 285 13.62 1.04 -44.90
N ALA A 286 14.09 2.28 -44.81
CA ALA A 286 14.94 2.85 -45.85
C ALA A 286 16.36 2.43 -45.54
N GLY A 287 16.61 1.22 -46.04
CA GLY A 287 17.87 0.52 -46.14
C GLY A 287 18.20 0.65 -47.61
N ASP A 288 19.16 -0.12 -48.13
CA ASP A 288 19.54 0.00 -49.54
C ASP A 288 19.34 -1.34 -50.25
N PRO A 289 18.31 -1.46 -51.12
CA PRO A 289 17.27 -0.46 -51.46
C PRO A 289 16.12 -0.47 -50.43
N ILE A 290 15.12 0.45 -50.57
CA ILE A 290 13.97 0.56 -49.65
C ILE A 290 13.12 -0.71 -49.81
N GLY A 291 12.97 -1.40 -48.69
CA GLY A 291 12.25 -2.66 -48.62
C GLY A 291 12.29 -3.26 -47.24
N TYR A 292 12.12 -4.57 -47.19
CA TYR A 292 12.01 -5.32 -45.96
C TYR A 292 13.36 -5.83 -45.43
N GLY A 293 13.42 -6.05 -44.11
CA GLY A 293 14.57 -6.59 -43.41
C GLY A 293 14.19 -7.65 -42.39
N ASP A 294 15.20 -8.36 -41.86
CA ASP A 294 15.01 -9.41 -40.86
C ASP A 294 15.81 -9.09 -39.59
N LEU A 295 15.09 -8.91 -38.47
CA LEU A 295 15.62 -8.63 -37.12
C LEU A 295 16.50 -9.75 -36.59
N SER A 296 16.16 -11.01 -36.94
CA SER A 296 16.83 -12.26 -36.57
C SER A 296 18.30 -12.30 -37.07
N SER A 297 18.67 -11.45 -38.07
CA SER A 297 20.01 -11.39 -38.65
C SER A 297 21.03 -10.90 -37.61
N ARG A 298 22.26 -11.46 -37.66
CA ARG A 298 23.36 -11.15 -36.73
C ARG A 298 23.63 -9.66 -36.63
N TYR A 299 23.61 -8.91 -37.76
CA TYR A 299 23.89 -7.48 -37.81
C TYR A 299 22.81 -6.65 -37.07
N TRP A 300 21.52 -6.89 -37.35
CA TRP A 300 20.42 -6.14 -36.73
C TRP A 300 20.22 -6.54 -35.26
N GLN A 301 20.47 -7.81 -34.88
CA GLN A 301 20.30 -8.28 -33.50
C GLN A 301 21.36 -7.62 -32.57
N ASP A 302 22.59 -7.45 -33.09
CA ASP A 302 23.70 -6.84 -32.36
C ASP A 302 23.53 -5.33 -32.24
N HIS A 303 22.81 -4.67 -33.18
CA HIS A 303 22.62 -3.21 -33.17
C HIS A 303 21.27 -2.76 -32.59
N LEU A 304 20.39 -3.72 -32.29
CA LEU A 304 19.04 -3.49 -31.79
C LEU A 304 19.00 -2.79 -30.42
N ILE A 305 18.26 -1.65 -30.37
CA ILE A 305 17.94 -0.91 -29.14
C ILE A 305 16.64 -1.58 -28.63
N GLY A 306 15.59 -1.44 -29.42
CA GLY A 306 14.29 -2.01 -29.11
C GLY A 306 13.15 -1.37 -29.85
N ALA A 307 11.96 -1.76 -29.45
CA ALA A 307 10.74 -1.27 -30.05
C ALA A 307 10.15 -0.09 -29.25
N ARG A 308 9.56 0.89 -29.97
CA ARG A 308 8.89 2.08 -29.42
C ARG A 308 7.53 2.27 -30.09
N ARG A 309 6.56 2.77 -29.34
CA ARG A 309 5.22 2.95 -29.88
C ARG A 309 4.87 4.42 -30.06
N VAL A 310 4.29 4.76 -31.22
CA VAL A 310 3.72 6.07 -31.49
C VAL A 310 2.48 6.25 -30.58
N ILE A 311 2.41 7.34 -29.83
CA ILE A 311 1.29 7.63 -28.93
C ILE A 311 0.12 8.21 -29.75
N HIS A 312 -1.04 7.54 -29.66
CA HIS A 312 -2.30 7.93 -30.30
C HIS A 312 -3.41 7.22 -29.60
N ASN A 313 -4.65 7.56 -29.93
CA ASN A 313 -5.80 6.93 -29.32
C ASN A 313 -6.33 5.69 -30.10
N GLY B 19 -1.68 9.73 31.56
CA GLY B 19 -2.67 8.67 31.34
C GLY B 19 -3.64 8.47 32.48
N VAL B 20 -4.13 9.58 33.07
CA VAL B 20 -5.08 9.64 34.21
C VAL B 20 -6.44 9.07 33.81
N THR B 21 -7.00 8.20 34.64
CA THR B 21 -8.34 7.67 34.36
C THR B 21 -9.31 8.84 34.69
N VAL B 22 -10.38 8.98 33.87
CA VAL B 22 -11.41 10.02 34.01
C VAL B 22 -12.27 9.81 35.29
N SER B 23 -12.98 10.87 35.76
CA SER B 23 -13.84 10.85 36.95
C SER B 23 -15.01 9.83 36.80
N PRO B 24 -15.53 9.24 37.92
CA PRO B 24 -16.63 8.28 37.79
C PRO B 24 -17.91 8.86 37.14
N GLU B 25 -18.18 10.17 37.37
CA GLU B 25 -19.35 10.89 36.81
C GLU B 25 -19.24 11.03 35.27
N VAL B 26 -18.03 10.82 34.70
CA VAL B 26 -17.77 10.81 33.25
C VAL B 26 -17.98 9.36 32.77
N LEU B 27 -17.42 8.38 33.53
CA LEU B 27 -17.54 6.93 33.26
C LEU B 27 -19.00 6.45 33.36
N ALA B 28 -19.86 7.20 34.10
CA ALA B 28 -21.29 6.91 34.29
C ALA B 28 -22.07 7.11 32.96
N HIS B 29 -21.56 7.99 32.08
CA HIS B 29 -22.15 8.30 30.78
C HIS B 29 -21.64 7.37 29.67
N ARG B 30 -20.64 6.49 29.96
CA ARG B 30 -20.02 5.54 29.02
C ARG B 30 -21.04 4.70 28.19
N PRO B 31 -22.17 4.14 28.73
CA PRO B 31 -23.08 3.35 27.86
C PRO B 31 -23.67 4.22 26.71
N LEU B 32 -24.12 5.45 27.06
CA LEU B 32 -24.69 6.45 26.13
CA LEU B 32 -24.71 6.39 26.10
C LEU B 32 -23.64 6.89 25.09
N ILE B 33 -22.33 6.93 25.49
CA ILE B 33 -21.19 7.33 24.63
C ILE B 33 -21.01 6.27 23.53
N GLU B 34 -21.00 4.99 23.92
CA GLU B 34 -20.81 3.83 23.02
C GLU B 34 -22.01 3.66 22.08
N LYS B 35 -23.20 4.16 22.49
CA LYS B 35 -24.45 4.14 21.72
C LYS B 35 -24.29 5.02 20.45
N TYR B 36 -23.98 6.32 20.64
CA TYR B 36 -23.82 7.23 19.50
C TYR B 36 -22.47 7.00 18.84
N GLY B 37 -21.54 6.35 19.54
CA GLY B 37 -20.24 5.95 19.00
C GLY B 37 -20.42 4.97 17.84
N LYS B 38 -21.21 3.88 18.06
CA LYS B 38 -21.48 2.89 17.01
C LYS B 38 -22.40 3.48 15.91
N GLU B 39 -23.33 4.42 16.27
CA GLU B 39 -24.23 5.11 15.34
C GLU B 39 -23.46 6.01 14.35
N TYR B 40 -22.39 6.71 14.79
CA TYR B 40 -21.62 7.61 13.91
C TYR B 40 -20.30 6.97 13.45
N GLY B 41 -20.19 5.65 13.62
CA GLY B 41 -19.07 4.81 13.20
C GLY B 41 -17.71 5.15 13.77
N ILE B 42 -17.67 5.57 15.06
CA ILE B 42 -16.44 5.98 15.73
C ILE B 42 -16.36 5.37 17.16
N GLU B 43 -16.88 4.13 17.35
CA GLU B 43 -16.84 3.42 18.65
C GLU B 43 -15.37 3.17 19.10
N ASP B 44 -14.44 3.17 18.14
CA ASP B 44 -13.01 3.03 18.29
C ASP B 44 -12.39 4.23 19.08
N TYR B 45 -13.00 5.44 18.95
CA TYR B 45 -12.54 6.69 19.55
C TYR B 45 -13.28 7.05 20.85
N VAL B 46 -13.90 6.05 21.51
CA VAL B 46 -14.67 6.22 22.75
C VAL B 46 -13.85 6.90 23.86
N SER B 47 -12.55 6.55 23.97
CA SER B 47 -11.62 7.09 24.97
C SER B 47 -11.42 8.61 24.82
N TYR B 48 -11.43 9.13 23.57
CA TYR B 48 -11.31 10.55 23.24
C TYR B 48 -12.54 11.33 23.68
N ILE B 49 -13.74 10.74 23.52
CA ILE B 49 -15.01 11.34 23.92
C ILE B 49 -15.05 11.46 25.46
N LEU B 50 -14.54 10.44 26.18
CA LEU B 50 -14.47 10.46 27.66
C LEU B 50 -13.48 11.53 28.11
N ALA B 51 -12.27 11.57 27.50
CA ALA B 51 -11.22 12.57 27.77
C ALA B 51 -11.72 14.01 27.52
N ILE B 52 -12.49 14.23 26.41
CA ILE B 52 -13.04 15.54 26.05
C ILE B 52 -14.10 15.93 27.08
N GLN B 54 -14.33 14.98 30.21
CA GLN B 54 -13.62 15.32 31.46
C GLN B 54 -13.17 16.78 31.46
N VAL B 55 -12.52 17.22 30.35
CA VAL B 55 -11.97 18.56 30.18
C VAL B 55 -13.11 19.59 30.05
N GLU B 56 -14.22 19.22 29.35
CA GLU B 56 -15.35 20.12 29.09
C GLU B 56 -16.26 20.37 30.29
N SER B 57 -16.53 19.34 31.14
CA SER B 57 -17.47 19.47 32.28
C SER B 57 -17.14 18.55 33.47
N GLY B 58 -16.60 17.37 33.16
CA GLY B 58 -16.28 16.36 34.16
C GLY B 58 -17.51 15.65 34.68
N GLY B 59 -18.58 15.65 33.88
CA GLY B 59 -19.87 15.05 34.20
C GLY B 59 -20.75 15.85 35.16
N THR B 60 -20.39 17.12 35.45
CA THR B 60 -21.08 18.02 36.39
C THR B 60 -22.30 18.71 35.74
N ALA B 61 -22.14 19.22 34.50
CA ALA B 61 -23.18 19.97 33.80
C ALA B 61 -24.06 19.05 32.93
N GLU B 62 -25.29 19.53 32.60
CA GLU B 62 -26.27 18.83 31.78
C GLU B 62 -25.73 18.74 30.33
N ASP B 63 -25.19 19.88 29.79
CA ASP B 63 -24.50 19.89 28.49
C ASP B 63 -23.06 19.40 28.77
N VAL B 64 -22.97 18.08 29.04
CA VAL B 64 -21.82 17.30 29.49
C VAL B 64 -20.66 17.32 28.45
N GLN B 66 -20.49 19.98 26.15
CA GLN B 66 -20.39 21.41 25.84
C GLN B 66 -20.45 21.54 24.29
N SER B 67 -21.39 20.79 23.69
CA SER B 67 -21.58 20.67 22.25
C SER B 67 -22.72 21.57 21.74
N SER B 68 -23.33 22.41 22.61
CA SER B 68 -24.42 23.33 22.24
C SER B 68 -24.00 24.28 21.11
N GLU B 69 -22.81 24.88 21.24
CA GLU B 69 -22.25 25.86 20.29
C GLU B 69 -22.03 25.25 18.90
N SER B 70 -21.53 23.98 18.82
CA SER B 70 -21.29 23.27 17.56
C SER B 70 -22.58 23.12 16.76
N LEU B 71 -23.73 23.21 17.45
CA LEU B 71 -25.08 23.08 16.92
C LEU B 71 -25.73 24.46 16.67
N GLY B 72 -25.00 25.53 16.94
CA GLY B 72 -25.47 26.91 16.76
C GLY B 72 -26.43 27.39 17.84
N LEU B 73 -26.39 26.73 18.99
CA LEU B 73 -27.20 27.03 20.17
C LEU B 73 -26.42 27.82 21.22
N PRO B 74 -27.10 28.60 22.11
CA PRO B 74 -26.35 29.29 23.18
C PRO B 74 -25.78 28.27 24.18
N PRO B 75 -24.75 28.60 25.00
CA PRO B 75 -24.18 27.57 25.89
C PRO B 75 -25.21 26.91 26.83
N ASN B 76 -24.98 25.61 27.09
CA ASN B 76 -25.75 24.71 27.97
C ASN B 76 -27.26 24.67 27.61
N SER B 77 -27.55 24.53 26.29
CA SER B 77 -28.90 24.45 25.73
C SER B 77 -29.35 23.00 25.49
N LEU B 78 -28.46 22.04 25.68
CA LEU B 78 -28.76 20.63 25.42
C LEU B 78 -28.85 19.82 26.69
N SER B 79 -29.67 18.75 26.65
CA SER B 79 -29.82 17.77 27.72
C SER B 79 -28.60 16.86 27.68
N THR B 80 -28.43 16.00 28.71
CA THR B 80 -27.27 15.09 28.78
C THR B 80 -27.24 14.18 27.52
N GLU B 81 -28.41 13.65 27.09
CA GLU B 81 -28.49 12.77 25.92
C GLU B 81 -28.21 13.55 24.62
N GLU B 82 -28.84 14.74 24.47
CA GLU B 82 -28.66 15.63 23.32
C GLU B 82 -27.17 15.98 23.13
N SER B 83 -26.48 16.34 24.23
CA SER B 83 -25.06 16.73 24.23
C SER B 83 -24.14 15.60 23.83
N ILE B 84 -24.37 14.37 24.33
CA ILE B 84 -23.54 13.21 23.99
C ILE B 84 -23.70 12.89 22.49
N LYS B 85 -24.96 12.91 21.97
CA LYS B 85 -25.25 12.65 20.56
C LYS B 85 -24.49 13.66 19.66
N GLN B 86 -24.65 14.98 19.93
CA GLN B 86 -24.04 16.04 19.14
C GLN B 86 -22.51 16.08 19.30
N GLY B 87 -22.01 15.84 20.52
CA GLY B 87 -20.59 15.78 20.81
C GLY B 87 -19.88 14.72 20.01
N VAL B 88 -20.49 13.52 19.91
CA VAL B 88 -19.95 12.36 19.18
C VAL B 88 -20.07 12.61 17.66
N LYS B 89 -21.23 13.12 17.22
CA LYS B 89 -21.55 13.46 15.82
C LYS B 89 -20.52 14.49 15.31
N TYR B 90 -20.32 15.59 16.07
CA TYR B 90 -19.38 16.66 15.74
C TYR B 90 -17.95 16.12 15.70
N PHE B 91 -17.56 15.27 16.66
CA PHE B 91 -16.23 14.67 16.66
C PHE B 91 -16.03 13.81 15.39
N SER B 92 -17.04 13.00 15.00
CA SER B 92 -16.97 12.16 13.80
C SER B 92 -16.93 13.00 12.51
N GLU B 93 -17.58 14.17 12.50
CA GLU B 93 -17.54 15.05 11.31
C GLU B 93 -16.15 15.65 11.18
N LEU B 94 -15.51 16.01 12.31
CA LEU B 94 -14.15 16.53 12.37
C LEU B 94 -13.17 15.44 11.90
N LEU B 95 -13.34 14.18 12.35
CA LEU B 95 -12.53 13.03 11.90
C LEU B 95 -12.57 12.86 10.39
N THR B 96 -13.79 12.90 9.82
CA THR B 96 -14.07 12.77 8.39
C THR B 96 -13.37 13.90 7.63
N SER B 97 -13.54 15.17 8.07
CA SER B 97 -12.94 16.32 7.41
C SER B 97 -11.40 16.25 7.45
N ALA B 98 -10.83 15.76 8.57
CA ALA B 98 -9.39 15.58 8.78
C ALA B 98 -8.84 14.52 7.83
N GLU B 99 -9.57 13.40 7.66
CA GLU B 99 -9.24 12.30 6.74
C GLU B 99 -9.09 12.83 5.33
N GLN B 100 -10.08 13.62 4.85
CA GLN B 100 -10.12 14.26 3.53
C GLN B 100 -8.94 15.20 3.32
N GLN B 101 -8.57 15.96 4.36
CA GLN B 101 -7.50 16.98 4.29
C GLN B 101 -6.10 16.39 4.58
N GLY B 102 -6.05 15.20 5.17
CA GLY B 102 -4.81 14.49 5.48
C GLY B 102 -4.09 15.01 6.71
N VAL B 103 -4.84 15.41 7.75
CA VAL B 103 -4.29 15.94 9.01
C VAL B 103 -4.58 14.91 10.12
N ASP B 104 -3.75 14.90 11.17
CA ASP B 104 -3.72 13.91 12.25
C ASP B 104 -4.78 14.14 13.35
N ILE B 105 -4.88 13.19 14.31
CA ILE B 105 -5.88 13.12 15.40
C ILE B 105 -5.75 14.31 16.40
N ASP B 106 -4.55 14.83 16.63
CA ASP B 106 -4.40 15.91 17.59
C ASP B 106 -5.00 17.22 17.01
N SER B 107 -4.99 17.37 15.66
CA SER B 107 -5.67 18.48 14.99
C SER B 107 -7.19 18.37 15.17
N VAL B 108 -7.69 17.11 15.23
CA VAL B 108 -9.11 16.82 15.44
C VAL B 108 -9.49 17.25 16.85
N ILE B 109 -8.68 16.84 17.84
CA ILE B 109 -8.91 17.14 19.23
C ILE B 109 -8.94 18.67 19.40
N GLN B 110 -7.96 19.37 18.82
CA GLN B 110 -7.90 20.83 18.91
C GLN B 110 -9.09 21.48 18.21
N SER B 111 -9.56 20.88 17.11
CA SER B 111 -10.69 21.40 16.31
C SER B 111 -12.01 21.29 17.06
N TYR B 112 -12.11 20.37 18.05
CA TYR B 112 -13.32 20.27 18.86
C TYR B 112 -13.46 21.57 19.67
N ASN B 113 -12.31 22.13 20.09
CA ASN B 113 -12.22 23.37 20.84
C ASN B 113 -12.21 24.63 19.91
N TYR B 114 -11.41 24.64 18.84
CA TYR B 114 -11.25 25.79 17.94
C TYR B 114 -12.28 25.90 16.83
N GLY B 115 -12.90 24.76 16.47
CA GLY B 115 -13.78 24.66 15.30
C GLY B 115 -13.00 24.06 14.14
N GLY B 116 -13.72 23.64 13.10
CA GLY B 116 -13.18 22.98 11.91
C GLY B 116 -12.14 23.74 11.10
N GLY B 117 -12.11 25.07 11.25
CA GLY B 117 -11.17 25.97 10.58
C GLY B 117 -9.72 25.67 10.94
N PHE B 118 -9.48 25.07 12.14
CA PHE B 118 -8.14 24.70 12.57
C PHE B 118 -7.57 23.57 11.67
N LEU B 119 -8.44 22.64 11.21
CA LEU B 119 -8.03 21.55 10.30
C LEU B 119 -7.40 22.11 9.00
N ASN B 120 -8.06 23.12 8.37
CA ASN B 120 -7.56 23.74 7.14
CA ASN B 120 -7.60 23.78 7.14
C ASN B 120 -6.25 24.51 7.41
N TYR B 121 -6.11 25.11 8.60
CA TYR B 121 -4.91 25.85 9.00
C TYR B 121 -3.69 24.92 9.06
N VAL B 122 -3.84 23.78 9.77
CA VAL B 122 -2.83 22.73 9.91
C VAL B 122 -2.47 22.16 8.54
N ARG B 123 -3.48 21.88 7.71
CA ARG B 123 -3.31 21.35 6.35
C ARG B 123 -2.41 22.28 5.52
N SER B 124 -2.55 23.61 5.71
CA SER B 124 -1.78 24.60 4.96
C SER B 124 -0.38 24.85 5.64
N HIS B 125 -0.05 24.10 6.72
CA HIS B 125 1.21 24.27 7.45
C HIS B 125 1.82 22.93 7.87
N GLY B 126 1.85 21.96 6.95
CA GLY B 126 2.54 20.69 7.20
C GLY B 126 1.71 19.48 7.54
N LYS B 127 0.40 19.66 7.71
CA LYS B 127 -0.64 18.64 7.93
C LYS B 127 -0.49 17.90 9.29
N LYS B 128 0.36 18.39 10.18
CA LYS B 128 0.50 17.79 11.50
C LYS B 128 0.25 18.82 12.58
N TYR B 129 -0.44 18.43 13.65
CA TYR B 129 -0.64 19.28 14.80
C TYR B 129 0.70 19.55 15.48
N THR B 130 0.92 20.81 15.87
CA THR B 130 2.03 21.24 16.72
C THR B 130 1.42 22.25 17.68
N TYR B 131 1.99 22.32 18.90
CA TYR B 131 1.57 23.30 19.89
C TYR B 131 1.77 24.72 19.34
N GLU B 132 2.83 24.96 18.57
CA GLU B 132 3.15 26.23 17.92
C GLU B 132 2.06 26.62 16.94
N LEU B 133 1.43 25.65 16.22
CA LEU B 133 0.30 25.96 15.34
C LEU B 133 -0.97 26.32 16.14
N ALA B 134 -1.25 25.60 17.25
CA ALA B 134 -2.41 25.88 18.12
C ALA B 134 -2.30 27.28 18.74
N GLU B 135 -1.11 27.62 19.15
CA GLU B 135 -0.75 28.88 19.75
C GLU B 135 -0.87 30.04 18.74
N GLN B 136 -0.36 29.89 17.52
CA GLN B 136 -0.40 30.94 16.50
C GLN B 136 -1.85 31.14 16.00
N PHE B 137 -2.63 30.05 15.87
CA PHE B 137 -4.04 30.13 15.46
C PHE B 137 -4.81 30.97 16.48
N SER B 138 -4.63 30.68 17.79
CA SER B 138 -5.22 31.46 18.88
C SER B 138 -4.74 32.93 18.87
N LYS B 139 -3.41 33.17 18.68
CA LYS B 139 -2.84 34.53 18.59
C LYS B 139 -3.59 35.36 17.54
N GLU B 140 -3.80 34.75 16.37
CA GLU B 140 -4.47 35.41 15.26
C GLU B 140 -5.96 35.62 15.55
N LYS B 141 -6.67 34.57 16.00
CA LYS B 141 -8.12 34.65 16.23
C LYS B 141 -8.48 35.58 17.39
N SER B 142 -7.57 35.76 18.36
CA SER B 142 -7.81 36.62 19.52
C SER B 142 -7.40 38.07 19.31
N GLY B 143 -6.74 38.37 18.19
CA GLY B 143 -6.22 39.71 17.93
C GLY B 143 -5.03 40.03 18.82
N GLY B 144 -4.38 38.99 19.35
CA GLY B 144 -3.20 39.05 20.21
C GLY B 144 -3.46 39.29 21.69
N GLN B 145 -4.72 39.22 22.12
CA GLN B 145 -5.11 39.48 23.52
C GLN B 145 -4.75 38.31 24.40
N LYS B 146 -4.03 38.57 25.51
CA LYS B 146 -3.54 37.52 26.42
C LYS B 146 -4.26 37.56 27.77
N ALA B 147 -4.41 36.38 28.38
CA ALA B 147 -5.05 36.23 29.68
C ALA B 147 -4.25 35.30 30.54
N ASP B 148 -4.21 35.57 31.87
CA ASP B 148 -3.52 34.71 32.83
C ASP B 148 -4.19 33.32 32.83
N TYR B 149 -3.39 32.28 32.86
CA TYR B 149 -3.91 30.93 32.82
C TYR B 149 -3.18 30.12 33.89
N PRO B 150 -3.71 30.16 35.14
CA PRO B 150 -3.03 29.48 36.25
C PRO B 150 -3.24 27.96 36.19
N ASN B 151 -2.89 27.36 35.05
CA ASN B 151 -3.04 25.93 34.87
C ASN B 151 -1.67 25.27 34.92
N PRO B 152 -1.51 24.19 35.72
CA PRO B 152 -0.20 23.51 35.84
C PRO B 152 0.33 22.94 34.50
N ILE B 153 -0.50 22.84 33.46
CA ILE B 153 -0.04 22.40 32.14
C ILE B 153 0.64 23.58 31.42
N ALA B 154 0.08 24.80 31.60
CA ALA B 154 0.56 26.03 30.98
C ALA B 154 1.74 26.67 31.70
N ILE B 155 1.77 26.65 33.08
CA ILE B 155 2.82 27.33 33.87
C ILE B 155 4.24 26.93 33.39
N PRO B 156 4.62 25.62 33.22
CA PRO B 156 6.00 25.33 32.80
C PRO B 156 6.26 25.61 31.31
N VAL B 157 5.20 25.90 30.51
CA VAL B 157 5.36 26.15 29.07
C VAL B 157 5.67 27.65 28.80
N ASN B 158 4.88 28.61 29.31
CA ASN B 158 5.09 30.05 29.01
C ASN B 158 4.91 30.95 30.24
N GLY B 159 4.85 30.34 31.42
CA GLY B 159 4.61 31.06 32.67
C GLY B 159 3.18 30.94 33.17
N GLY B 160 2.25 30.54 32.30
CA GLY B 160 0.85 30.38 32.63
C GLY B 160 -0.02 31.49 32.07
N TRP B 161 -0.09 31.56 30.75
CA TRP B 161 -0.98 32.49 30.06
C TRP B 161 -1.44 31.87 28.75
N ARG B 162 -2.48 32.45 28.14
CA ARG B 162 -2.98 31.99 26.86
C ARG B 162 -3.61 33.17 26.09
N TYR B 163 -3.73 33.02 24.77
CA TYR B 163 -4.43 33.96 23.92
C TYR B 163 -5.94 33.76 24.12
N ASN B 164 -6.69 34.85 24.09
CA ASN B 164 -8.12 34.88 24.38
C ASN B 164 -8.99 34.35 23.18
N TYR B 165 -8.73 33.10 22.78
CA TYR B 165 -9.47 32.36 21.76
C TYR B 165 -9.29 30.88 22.00
N GLY B 166 -10.36 30.21 22.44
CA GLY B 166 -10.34 28.78 22.71
C GLY B 166 -9.28 28.48 23.74
N ASN B 167 -8.62 27.32 23.60
CA ASN B 167 -7.55 26.95 24.51
C ASN B 167 -6.43 26.33 23.72
N GLN B 168 -5.30 27.05 23.62
CA GLN B 168 -4.13 26.60 22.89
C GLN B 168 -3.48 25.34 23.56
N PHE B 169 -3.84 25.04 24.81
CA PHE B 169 -3.36 23.88 25.60
C PHE B 169 -4.39 22.74 25.61
N TYR B 170 -5.45 22.86 24.81
CA TYR B 170 -6.52 21.87 24.80
C TYR B 170 -6.03 20.43 24.50
N VAL B 171 -5.09 20.25 23.57
CA VAL B 171 -4.62 18.89 23.22
C VAL B 171 -3.83 18.30 24.44
N GLN B 172 -3.07 19.12 25.17
CA GLN B 172 -2.34 18.67 26.36
C GLN B 172 -3.30 18.33 27.52
N LEU B 173 -4.40 19.10 27.67
CA LEU B 173 -5.42 18.87 28.71
C LEU B 173 -6.18 17.58 28.48
N VAL B 174 -6.60 17.36 27.21
CA VAL B 174 -7.35 16.18 26.79
C VAL B 174 -6.44 14.95 26.91
N SER B 175 -5.16 15.07 26.50
CA SER B 175 -4.18 13.96 26.52
C SER B 175 -3.91 13.40 27.93
N GLN B 176 -4.08 14.24 28.99
CA GLN B 176 -3.95 13.84 30.39
C GLN B 176 -4.87 12.68 30.75
N TYR B 177 -6.09 12.67 30.16
CA TYR B 177 -7.11 11.69 30.46
C TYR B 177 -7.20 10.61 29.37
N LEU B 178 -6.17 10.49 28.52
CA LEU B 178 -6.14 9.41 27.53
C LEU B 178 -5.26 8.32 28.09
N THR B 179 -5.85 7.14 28.31
CA THR B 179 -5.11 6.01 28.82
C THR B 179 -4.86 5.07 27.67
N ASP B 180 -3.56 4.83 27.40
CA ASP B 180 -3.09 3.89 26.41
C ASP B 180 -3.02 2.54 27.09
N THR B 181 -3.95 1.65 26.73
CA THR B 181 -4.09 0.33 27.33
C THR B 181 -3.40 -0.73 26.48
N SER B 182 -2.78 -0.30 25.34
CA SER B 182 -2.01 -1.12 24.39
C SER B 182 -0.76 -1.73 25.09
N PRO B 183 -0.29 -2.92 24.68
CA PRO B 183 0.83 -3.56 25.38
C PRO B 183 1.98 -2.58 25.69
N THR B 184 2.40 -2.51 26.98
CA THR B 184 3.48 -1.62 27.43
C THR B 184 4.82 -2.26 27.13
N GLU B 185 5.82 -1.40 26.85
CA GLU B 185 7.17 -1.85 26.51
C GLU B 185 7.91 -2.32 27.76
N PHE B 186 9.02 -3.04 27.56
CA PHE B 186 9.91 -3.46 28.65
C PHE B 186 10.55 -2.27 29.28
N ASP B 187 10.66 -2.26 30.62
CA ASP B 187 11.37 -1.20 31.32
C ASP B 187 12.87 -1.37 31.05
N ASP B 188 13.65 -0.31 31.30
CA ASP B 188 15.08 -0.25 31.06
C ASP B 188 15.85 -1.39 31.75
N GLU B 189 15.40 -1.80 32.96
CA GLU B 189 16.03 -2.84 33.76
C GLU B 189 15.89 -4.22 33.05
N THR B 190 14.69 -4.55 32.53
CA THR B 190 14.43 -5.81 31.82
C THR B 190 15.19 -5.81 30.50
N VAL B 191 15.27 -4.65 29.81
CA VAL B 191 16.05 -4.53 28.57
C VAL B 191 17.55 -4.87 28.87
N GLN B 192 18.06 -4.46 30.05
CA GLN B 192 19.45 -4.71 30.43
C GLN B 192 19.65 -6.19 30.78
N VAL B 193 18.61 -6.86 31.34
CA VAL B 193 18.62 -8.31 31.63
C VAL B 193 18.70 -9.08 30.29
N ILE B 194 17.87 -8.71 29.31
CA ILE B 194 17.83 -9.29 27.95
C ILE B 194 19.19 -9.14 27.26
N ASP B 196 22.15 -8.23 28.55
CA ASP B 196 23.30 -8.83 29.27
C ASP B 196 23.43 -10.31 28.89
N GLU B 197 22.28 -10.99 28.80
CA GLU B 197 22.21 -12.39 28.39
C GLU B 197 22.54 -12.55 26.91
N ALA B 198 21.95 -11.74 26.02
CA ALA B 198 22.19 -11.83 24.57
C ALA B 198 23.68 -11.61 24.21
N LEU B 199 24.38 -10.68 24.90
CA LEU B 199 25.77 -10.36 24.63
C LEU B 199 26.75 -11.44 25.11
N LYS B 200 26.31 -12.39 25.91
CA LYS B 200 27.19 -13.49 26.32
C LYS B 200 27.53 -14.38 25.12
N TYR B 201 26.66 -14.35 24.10
CA TYR B 201 26.75 -15.19 22.91
C TYR B 201 27.18 -14.37 21.69
N GLU B 202 27.58 -13.11 21.89
CA GLU B 202 28.12 -12.26 20.82
C GLU B 202 29.38 -12.94 20.23
N GLY B 203 29.40 -13.03 18.89
CA GLY B 203 30.51 -13.67 18.19
C GLY B 203 30.29 -15.15 17.90
N PHE B 204 29.35 -15.81 18.63
CA PHE B 204 29.00 -17.24 18.46
C PHE B 204 28.51 -17.51 17.03
N PRO B 205 28.71 -18.73 16.51
CA PRO B 205 28.25 -18.99 15.14
C PRO B 205 26.77 -19.27 15.05
N TYR B 206 26.18 -18.93 13.89
CA TYR B 206 24.78 -19.23 13.59
C TYR B 206 24.65 -20.74 13.45
N VAL B 207 23.74 -21.35 14.22
CA VAL B 207 23.51 -22.80 14.16
C VAL B 207 22.00 -23.04 13.97
N PHE B 208 21.64 -23.54 12.78
CA PHE B 208 20.28 -23.85 12.42
C PHE B 208 19.77 -24.99 13.32
N GLY B 209 18.72 -24.68 14.09
CA GLY B 209 18.10 -25.58 15.06
C GLY B 209 18.60 -25.41 16.50
N GLY B 210 19.60 -24.54 16.69
CA GLY B 210 20.22 -24.25 17.99
C GLY B 210 19.39 -23.29 18.85
N ALA B 211 19.21 -23.66 20.13
CA ALA B 211 18.42 -22.89 21.09
C ALA B 211 19.04 -22.95 22.51
N SER B 212 20.37 -23.15 22.60
CA SER B 212 21.10 -23.24 23.88
C SER B 212 22.54 -22.77 23.68
N PRO B 213 23.27 -22.32 24.75
CA PRO B 213 24.67 -21.93 24.55
C PRO B 213 25.54 -23.09 24.04
N THR B 214 25.22 -24.33 24.47
CA THR B 214 25.91 -25.58 24.14
C THR B 214 25.94 -25.87 22.63
N THR B 215 24.82 -25.63 21.95
CA THR B 215 24.60 -25.86 20.51
C THR B 215 24.81 -24.61 19.66
N SER B 216 24.87 -23.44 20.33
CA SER B 216 24.85 -22.08 19.79
C SER B 216 23.40 -21.85 19.31
N PHE B 217 23.11 -20.87 18.45
CA PHE B 217 21.73 -20.53 18.20
C PHE B 217 21.36 -20.20 16.76
N ASP B 218 20.03 -20.31 16.46
CA ASP B 218 19.38 -19.78 15.26
C ASP B 218 18.59 -18.53 15.75
N SER B 220 15.44 -17.49 16.07
CA SER B 220 14.35 -17.65 17.02
C SER B 220 14.81 -18.36 18.33
N GLY B 221 15.83 -19.22 18.26
CA GLY B 221 16.37 -19.95 19.41
C GLY B 221 17.09 -19.03 20.39
N LEU B 222 17.68 -17.93 19.85
CA LEU B 222 18.35 -16.90 20.67
C LEU B 222 17.29 -16.14 21.46
N ILE B 223 16.21 -15.67 20.78
CA ILE B 223 15.07 -14.97 21.37
C ILE B 223 14.46 -15.81 22.49
N GLN B 224 14.15 -17.07 22.22
CA GLN B 224 13.53 -17.93 23.23
C GLN B 224 14.41 -18.08 24.48
N TRP B 225 15.71 -18.32 24.30
CA TRP B 225 16.63 -18.53 25.41
C TRP B 225 16.82 -17.24 26.25
N VAL B 226 17.08 -16.10 25.57
CA VAL B 226 17.37 -14.81 26.17
C VAL B 226 16.12 -14.28 26.92
N TYR B 227 14.93 -14.36 26.29
CA TYR B 227 13.70 -13.87 26.93
C TYR B 227 13.31 -14.78 28.10
N ASP B 228 13.70 -16.06 28.10
CA ASP B 228 13.42 -16.97 29.23
C ASP B 228 14.20 -16.55 30.48
N LYS B 229 15.49 -16.16 30.31
CA LYS B 229 16.35 -15.73 31.42
C LYS B 229 15.84 -14.40 32.01
N ALA B 230 15.11 -13.60 31.19
CA ALA B 230 14.45 -12.35 31.60
C ALA B 230 13.05 -12.63 32.20
N GLY B 231 12.66 -13.91 32.28
CA GLY B 231 11.39 -14.35 32.85
C GLY B 231 10.20 -14.26 31.90
N ILE B 232 10.45 -14.34 30.59
CA ILE B 232 9.45 -14.27 29.55
C ILE B 232 9.43 -15.57 28.72
N SER B 233 8.27 -16.24 28.69
CA SER B 233 8.04 -17.48 27.91
C SER B 233 7.55 -17.14 26.52
N LEU B 234 8.30 -17.56 25.52
CA LEU B 234 7.95 -17.36 24.13
C LEU B 234 8.03 -18.68 23.35
N PRO B 235 7.27 -18.84 22.24
CA PRO B 235 7.40 -20.05 21.40
C PRO B 235 8.81 -20.20 20.78
N ARG B 236 9.06 -21.35 20.15
CA ARG B 236 10.36 -21.69 19.60
C ARG B 236 10.57 -21.18 18.15
N VAL B 237 9.54 -21.19 17.30
CA VAL B 237 9.68 -20.82 15.87
C VAL B 237 9.34 -19.34 15.67
N ALA B 238 10.12 -18.65 14.80
CA ALA B 238 9.96 -17.22 14.46
C ALA B 238 8.47 -16.89 14.15
N GLN B 239 7.81 -17.68 13.27
CA GLN B 239 6.41 -17.52 12.90
C GLN B 239 5.49 -17.59 14.16
N ASP B 240 5.74 -18.56 15.08
CA ASP B 240 5.00 -18.72 16.32
C ASP B 240 5.22 -17.50 17.25
N GLN B 241 6.47 -17.01 17.36
CA GLN B 241 6.84 -15.83 18.15
C GLN B 241 6.10 -14.59 17.62
N TYR B 242 5.98 -14.49 16.29
CA TYR B 242 5.23 -13.43 15.59
C TYR B 242 3.76 -13.49 15.97
N ASP B 243 3.20 -14.70 15.96
CA ASP B 243 1.79 -14.95 16.27
C ASP B 243 1.46 -14.68 17.72
N ALA B 244 2.43 -14.95 18.62
CA ALA B 244 2.28 -14.82 20.07
C ALA B 244 2.53 -13.38 20.55
N THR B 245 2.99 -12.48 19.67
CA THR B 245 3.29 -11.09 20.03
C THR B 245 2.33 -10.14 19.30
N GLN B 246 2.25 -8.88 19.72
CA GLN B 246 1.31 -7.97 19.06
C GLN B 246 1.98 -6.89 18.20
N GLU B 247 1.39 -6.65 17.03
CA GLU B 247 1.77 -5.65 16.03
C GLU B 247 1.84 -4.25 16.61
N ILE B 248 2.92 -3.56 16.30
CA ILE B 248 3.19 -2.17 16.65
C ILE B 248 3.85 -1.49 15.44
N SER B 249 3.60 -0.17 15.29
CA SER B 249 4.23 0.61 14.22
C SER B 249 5.72 0.75 14.51
N GLU B 251 7.47 3.39 14.34
CA GLU B 251 7.64 4.66 15.06
C GLU B 251 7.39 4.48 16.57
N GLU B 252 6.53 3.51 16.99
CA GLU B 252 6.26 3.31 18.42
C GLU B 252 7.14 2.17 19.02
N ALA B 253 7.85 1.38 18.17
CA ALA B 253 8.74 0.30 18.59
C ALA B 253 9.86 0.79 19.54
N GLN B 254 10.16 -0.02 20.58
CA GLN B 254 11.15 0.28 21.65
C GLN B 254 12.11 -0.91 21.85
N ALA B 255 13.17 -0.71 22.65
CA ALA B 255 14.13 -1.76 22.95
C ALA B 255 13.44 -2.93 23.63
N GLY B 256 13.73 -4.14 23.18
CA GLY B 256 13.10 -5.34 23.73
C GLY B 256 11.95 -5.85 22.88
N ASP B 257 11.45 -4.98 21.95
CA ASP B 257 10.44 -5.42 20.97
C ASP B 257 11.14 -6.27 19.96
N LEU B 258 10.38 -7.03 19.19
CA LEU B 258 10.97 -7.93 18.22
C LEU B 258 10.68 -7.43 16.84
N ILE B 259 11.66 -7.60 15.94
CA ILE B 259 11.45 -7.18 14.56
CA ILE B 259 11.51 -7.18 14.55
C ILE B 259 11.51 -8.48 13.72
N PHE B 260 10.52 -8.62 12.82
CA PHE B 260 10.35 -9.82 12.01
C PHE B 260 10.57 -9.52 10.54
N PHE B 261 11.08 -10.52 9.82
CA PHE B 261 11.43 -10.43 8.40
C PHE B 261 10.88 -11.58 7.63
N HIS B 262 10.60 -11.35 6.33
CA HIS B 262 10.11 -12.38 5.40
C HIS B 262 11.23 -12.81 4.49
N SER B 263 11.03 -13.94 3.80
CA SER B 263 11.82 -14.54 2.71
C SER B 263 13.37 -14.41 2.86
N THR B 264 13.91 -14.62 4.08
CA THR B 264 15.37 -14.59 4.27
C THR B 264 15.94 -15.95 3.82
N TYR B 265 15.11 -17.00 3.94
CA TYR B 265 15.34 -18.40 3.54
C TYR B 265 13.96 -19.08 3.38
N ASN B 266 13.92 -20.28 2.73
CA ASN B 266 12.66 -21.00 2.55
C ASN B 266 12.30 -21.73 3.87
N ALA B 267 11.49 -21.07 4.71
CA ALA B 267 11.05 -21.57 6.00
C ALA B 267 9.68 -22.25 5.93
N GLY B 268 8.96 -22.05 4.83
CA GLY B 268 7.61 -22.59 4.63
C GLY B 268 6.50 -21.76 5.27
N THR B 269 6.87 -20.65 5.93
CA THR B 269 6.00 -19.65 6.60
C THR B 269 6.36 -18.24 6.10
N TYR B 270 5.46 -17.25 6.29
CA TYR B 270 5.71 -15.86 5.88
C TYR B 270 6.89 -15.29 6.67
N VAL B 271 6.89 -15.48 8.01
CA VAL B 271 7.95 -15.04 8.90
C VAL B 271 9.10 -16.06 8.84
N THR B 272 10.33 -15.57 8.56
CA THR B 272 11.51 -16.43 8.45
C THR B 272 12.60 -15.97 9.44
N HIS B 273 12.65 -14.65 9.75
CA HIS B 273 13.70 -14.11 10.63
C HIS B 273 13.08 -13.24 11.74
N VAL B 274 13.80 -13.16 12.86
CA VAL B 274 13.45 -12.41 14.07
C VAL B 274 14.74 -11.83 14.70
N ALA B 275 14.64 -10.61 15.23
CA ALA B 275 15.72 -9.93 15.91
C ALA B 275 15.21 -9.17 17.13
N ILE B 276 16.13 -8.82 18.07
CA ILE B 276 15.86 -8.00 19.24
C ILE B 276 15.99 -6.57 18.77
N TYR B 277 14.90 -5.82 18.74
CA TYR B 277 14.99 -4.41 18.33
C TYR B 277 15.64 -3.60 19.46
N LEU B 278 16.55 -2.67 19.11
CA LEU B 278 17.23 -1.89 20.12
C LEU B 278 16.81 -0.42 20.03
N GLU B 279 17.13 0.29 18.95
CA GLU B 279 16.73 1.69 18.75
C GLU B 279 17.17 2.14 17.41
N GLY B 280 16.45 3.12 16.86
CA GLY B 280 16.76 3.67 15.55
C GLY B 280 16.73 2.57 14.52
N ASN B 281 17.91 2.21 14.01
CA ASN B 281 18.05 1.17 13.00
C ASN B 281 18.84 -0.03 13.57
N ARG B 282 19.06 -0.05 14.88
CA ARG B 282 19.90 -1.10 15.46
C ARG B 282 19.07 -2.26 15.99
N PHE B 283 19.61 -3.49 15.79
CA PHE B 283 19.03 -4.72 16.30
C PHE B 283 20.12 -5.72 16.65
N TYR B 284 19.79 -6.72 17.46
CA TYR B 284 20.64 -7.82 17.87
C TYR B 284 19.96 -9.10 17.44
N HIS B 285 20.69 -9.99 16.79
CA HIS B 285 20.05 -11.18 16.25
C HIS B 285 21.04 -12.31 16.01
N ALA B 286 20.52 -13.54 15.86
CA ALA B 286 21.36 -14.68 15.53
C ALA B 286 21.46 -14.75 14.04
N GLY B 287 22.38 -13.91 13.59
CA GLY B 287 22.88 -13.76 12.26
C GLY B 287 24.19 -14.52 12.33
N ASP B 288 25.04 -14.38 11.31
CA ASP B 288 26.30 -15.10 11.31
C ASP B 288 27.50 -14.12 11.23
N PRO B 289 28.24 -13.92 12.34
CA PRO B 289 28.06 -14.50 13.69
C PRO B 289 27.03 -13.73 14.51
N ILE B 290 26.72 -14.23 15.73
CA ILE B 290 25.74 -13.60 16.61
C ILE B 290 26.27 -12.19 16.99
N GLY B 291 25.42 -11.19 16.77
CA GLY B 291 25.76 -9.81 17.02
C GLY B 291 24.72 -8.86 16.51
N TYR B 292 25.14 -7.62 16.29
CA TYR B 292 24.27 -6.52 15.91
C TYR B 292 24.11 -6.37 14.39
N GLY B 293 22.96 -5.79 13.99
CA GLY B 293 22.63 -5.49 12.60
C GLY B 293 22.07 -4.10 12.42
N ASP B 294 21.95 -3.67 11.16
CA ASP B 294 21.41 -2.35 10.81
C ASP B 294 20.21 -2.51 9.85
N LEU B 295 19.02 -2.02 10.29
CA LEU B 295 17.74 -2.05 9.58
C LEU B 295 17.71 -1.14 8.35
N SER B 296 18.59 -0.11 8.34
CA SER B 296 18.77 0.89 7.29
C SER B 296 19.39 0.24 6.03
N SER B 297 20.00 -0.96 6.17
CA SER B 297 20.60 -1.76 5.08
C SER B 297 19.55 -2.08 4.01
N ARG B 298 19.98 -2.16 2.74
CA ARG B 298 19.09 -2.47 1.60
C ARG B 298 18.43 -3.85 1.76
N TYR B 299 19.20 -4.87 2.22
CA TYR B 299 18.70 -6.24 2.41
C TYR B 299 17.60 -6.27 3.48
N TRP B 300 17.91 -5.79 4.70
CA TRP B 300 16.96 -5.84 5.82
C TRP B 300 15.73 -4.95 5.60
N GLN B 301 15.87 -3.81 4.90
CA GLN B 301 14.75 -2.90 4.62
C GLN B 301 13.76 -3.57 3.65
N ASP B 302 14.29 -4.39 2.71
CA ASP B 302 13.51 -5.13 1.71
C ASP B 302 12.90 -6.42 2.27
N HIS B 303 13.44 -6.96 3.38
CA HIS B 303 12.90 -8.19 3.95
C HIS B 303 12.09 -7.90 5.21
N LEU B 304 12.00 -6.63 5.62
CA LEU B 304 11.30 -6.19 6.82
C LEU B 304 9.77 -6.38 6.73
N ILE B 305 9.21 -7.08 7.73
CA ILE B 305 7.77 -7.25 7.96
C ILE B 305 7.38 -6.06 8.85
N GLY B 306 7.93 -6.05 10.07
CA GLY B 306 7.67 -4.99 11.03
C GLY B 306 8.00 -5.37 12.45
N ALA B 307 7.63 -4.50 13.38
CA ALA B 307 7.91 -4.68 14.78
C ALA B 307 6.69 -5.26 15.52
N ARG B 308 6.95 -6.07 16.57
CA ARG B 308 5.96 -6.71 17.44
C ARG B 308 6.38 -6.59 18.90
N ARG B 309 5.40 -6.47 19.80
CA ARG B 309 5.65 -6.31 21.23
C ARG B 309 5.21 -7.55 22.02
N VAL B 310 6.08 -8.02 22.94
CA VAL B 310 5.79 -9.11 23.87
C VAL B 310 4.75 -8.62 24.89
N ILE B 311 3.64 -9.34 25.06
CA ILE B 311 2.57 -8.95 25.97
C ILE B 311 2.97 -9.27 27.43
N HIS B 312 2.98 -8.23 28.28
CA HIS B 312 3.30 -8.28 29.72
C HIS B 312 2.77 -7.03 30.38
N ASN B 313 2.78 -6.99 31.71
CA ASN B 313 2.31 -5.80 32.39
C ASN B 313 3.44 -4.77 32.64
#